data_4H1Q
#
_entry.id   4H1Q
#
_cell.length_a   44.140
_cell.length_b   48.660
_cell.length_c   67.920
_cell.angle_alpha   90.00
_cell.angle_beta   102.55
_cell.angle_gamma   90.00
#
_symmetry.space_group_name_H-M   'P 1 21 1'
#
loop_
_entity.id
_entity.type
_entity.pdbx_description
1 polymer 'Matrix metalloproteinase-9'
2 non-polymer 'ZINC ION'
3 non-polymer 'CALCIUM ION'
4 non-polymer "N-(4-{[(3R)-3-[(biphenyl-4-ylsulfonyl)(propan-2-yloxy)amino]-4-(hydroxyamino)-4-oxobutyl]amino}-4-oxobutyl)-N'-(4-{[(3S)-3-[(biphenyl-4-ylsulfonyl)(propan-2-yloxy)amino]-4-(hydroxyamino)-4-oxobutyl]amino}-4-oxobutyl)benzene-1,3-dicarboxamide"
5 water water
#
_entity_poly.entity_id   1
_entity_poly.type   'polypeptide(L)'
_entity_poly.pdbx_seq_one_letter_code
;FEGDLKWHHHNITYWIQNYSEDLPRAVIDDAFARAFALWSAVTPLTFTRVYSRDADIVIQFGVAEHGDGYPFDGKDGLLA
HAFPPGPGIQGDAHFDDDELWSLGKGQGYSLFLVAAHQFGHALGLDHSSVPEALMYPMYRFTEGPPLHKDDVNGIRHLYG
;
_entity_poly.pdbx_strand_id   A,B
#
# COMPACT_ATOMS: atom_id res chain seq x y z
N PHE A 1 -25.46 2.03 -15.98
CA PHE A 1 -25.20 2.53 -14.64
C PHE A 1 -24.06 1.81 -13.92
N GLU A 2 -23.62 0.68 -14.46
CA GLU A 2 -22.49 -0.07 -13.91
C GLU A 2 -21.14 0.57 -14.24
N GLY A 3 -20.24 0.57 -13.26
CA GLY A 3 -19.04 1.39 -13.36
C GLY A 3 -17.71 0.70 -13.61
N ASP A 4 -17.14 0.12 -12.54
CA ASP A 4 -15.75 -0.41 -12.48
C ASP A 4 -14.97 -0.47 -13.79
N LEU A 5 -13.80 0.17 -13.82
CA LEU A 5 -12.88 0.01 -14.93
C LEU A 5 -12.64 -1.48 -15.07
N LYS A 6 -12.99 -2.02 -16.23
CA LYS A 6 -12.81 -3.44 -16.47
C LYS A 6 -12.69 -3.68 -17.97
N TRP A 7 -12.16 -4.84 -18.32
CA TRP A 7 -12.15 -5.26 -19.73
C TRP A 7 -13.58 -5.63 -20.13
N HIS A 8 -13.95 -5.34 -21.37
CA HIS A 8 -15.31 -5.61 -21.85
C HIS A 8 -15.29 -6.70 -22.91
N HIS A 9 -14.17 -7.42 -22.94
CA HIS A 9 -14.06 -8.66 -23.70
C HIS A 9 -13.39 -9.70 -22.81
N HIS A 10 -13.69 -10.97 -23.12
N HIS A 10 -13.61 -10.99 -23.06
CA HIS A 10 -13.26 -12.15 -22.37
CA HIS A 10 -13.15 -11.98 -22.09
C HIS A 10 -11.82 -12.51 -22.64
C HIS A 10 -11.80 -12.61 -22.49
N ASN A 11 -11.40 -12.32 -23.90
N ASN A 11 -11.44 -12.57 -23.77
CA ASN A 11 -10.15 -12.86 -24.37
CA ASN A 11 -10.11 -13.05 -24.13
C ASN A 11 -9.03 -11.85 -24.30
C ASN A 11 -9.11 -11.91 -24.24
N ILE A 12 -8.36 -11.76 -23.15
CA ILE A 12 -7.35 -10.73 -22.97
C ILE A 12 -6.03 -11.19 -23.52
N THR A 13 -5.36 -10.33 -24.27
CA THR A 13 -4.07 -10.69 -24.82
C THR A 13 -2.95 -9.96 -24.11
N TYR A 14 -1.76 -10.55 -24.17
CA TYR A 14 -0.60 -9.92 -23.53
C TYR A 14 0.66 -10.08 -24.33
N TRP A 15 1.54 -9.06 -24.27
CA TRP A 15 2.79 -9.08 -25.01
C TRP A 15 3.96 -8.81 -24.07
N ILE A 16 4.91 -9.72 -24.03
CA ILE A 16 6.15 -9.49 -23.29
C ILE A 16 7.07 -8.69 -24.20
N GLN A 17 7.12 -7.38 -23.98
CA GLN A 17 7.80 -6.49 -24.92
C GLN A 17 9.31 -6.66 -24.83
N ASN A 18 9.82 -6.82 -23.60
CA ASN A 18 11.24 -7.03 -23.41
C ASN A 18 11.51 -7.86 -22.16
N TYR A 19 12.79 -8.11 -21.90
CA TYR A 19 13.19 -9.05 -20.88
C TYR A 19 14.27 -8.48 -19.98
N SER A 20 14.08 -8.63 -18.68
CA SER A 20 15.17 -8.39 -17.72
C SER A 20 16.25 -9.42 -18.01
N GLU A 21 17.50 -9.04 -17.80
CA GLU A 21 18.60 -9.98 -17.94
C GLU A 21 18.86 -10.77 -16.66
N ASP A 22 17.98 -10.63 -15.67
CA ASP A 22 18.16 -11.37 -14.41
C ASP A 22 17.75 -12.84 -14.47
N LEU A 23 16.96 -13.21 -15.47
CA LEU A 23 16.50 -14.59 -15.60
C LEU A 23 16.51 -14.98 -17.05
N PRO A 24 16.60 -16.29 -17.34
CA PRO A 24 16.43 -16.76 -18.71
C PRO A 24 15.08 -16.33 -19.26
N ARG A 25 15.00 -16.09 -20.57
CA ARG A 25 13.74 -15.66 -21.16
C ARG A 25 12.63 -16.67 -20.94
N ALA A 26 12.94 -17.97 -21.05
CA ALA A 26 11.93 -19.00 -20.85
C ALA A 26 11.36 -18.97 -19.43
N VAL A 27 12.22 -18.70 -18.46
CA VAL A 27 11.78 -18.61 -17.06
C VAL A 27 10.86 -17.38 -16.87
N ILE A 28 11.19 -16.29 -17.54
CA ILE A 28 10.37 -15.08 -17.45
C ILE A 28 9.01 -15.34 -18.10
N ASP A 29 9.04 -15.96 -19.28
CA ASP A 29 7.81 -16.33 -19.97
C ASP A 29 6.93 -17.17 -19.06
N ASP A 30 7.54 -18.17 -18.42
CA ASP A 30 6.80 -19.09 -17.57
C ASP A 30 6.26 -18.40 -16.32
N ALA A 31 7.02 -17.47 -15.75
CA ALA A 31 6.56 -16.74 -14.58
C ALA A 31 5.30 -15.96 -14.89
N PHE A 32 5.29 -15.25 -16.01
CA PHE A 32 4.12 -14.49 -16.38
C PHE A 32 2.95 -15.38 -16.71
N ALA A 33 3.22 -16.50 -17.41
CA ALA A 33 2.14 -17.44 -17.74
C ALA A 33 1.53 -18.00 -16.47
N ARG A 34 2.37 -18.31 -15.49
CA ARG A 34 1.86 -18.81 -14.21
C ARG A 34 1.01 -17.77 -13.46
N ALA A 35 1.45 -16.52 -13.49
CA ALA A 35 0.72 -15.44 -12.85
C ALA A 35 -0.66 -15.25 -13.51
N PHE A 36 -0.73 -15.37 -14.84
CA PHE A 36 -2.04 -15.25 -15.51
C PHE A 36 -2.94 -16.44 -15.20
N ALA A 37 -2.34 -17.62 -15.11
CA ALA A 37 -3.09 -18.86 -14.83
C ALA A 37 -3.74 -18.84 -13.44
N LEU A 38 -3.09 -18.17 -12.50
CA LEU A 38 -3.67 -17.95 -11.17
C LEU A 38 -5.05 -17.31 -11.30
N TRP A 39 -5.10 -16.22 -12.05
CA TRP A 39 -6.34 -15.51 -12.27
C TRP A 39 -7.31 -16.25 -13.17
N SER A 40 -6.83 -16.85 -14.26
N SER A 40 -6.78 -16.86 -14.24
CA SER A 40 -7.76 -17.43 -15.22
CA SER A 40 -7.61 -17.52 -15.25
C SER A 40 -8.55 -18.62 -14.65
C SER A 40 -8.52 -18.59 -14.66
N ALA A 41 -8.00 -19.31 -13.66
CA ALA A 41 -8.69 -20.46 -13.08
C ALA A 41 -9.99 -20.06 -12.39
N VAL A 42 -10.06 -18.82 -11.88
CA VAL A 42 -11.20 -18.42 -11.07
C VAL A 42 -12.13 -17.42 -11.76
N THR A 43 -11.89 -17.17 -13.04
CA THR A 43 -12.61 -16.16 -13.83
C THR A 43 -12.96 -16.67 -15.22
N PRO A 44 -14.06 -16.18 -15.82
CA PRO A 44 -14.34 -16.54 -17.22
C PRO A 44 -13.30 -16.01 -18.21
N LEU A 45 -12.44 -15.09 -17.78
CA LEU A 45 -11.42 -14.53 -18.66
C LEU A 45 -10.40 -15.56 -19.13
N THR A 46 -9.89 -15.39 -20.34
CA THR A 46 -8.75 -16.18 -20.81
C THR A 46 -7.60 -15.23 -21.11
N PHE A 47 -6.39 -15.74 -21.03
CA PHE A 47 -5.21 -14.96 -21.36
C PHE A 47 -4.41 -15.62 -22.47
N THR A 48 -4.16 -14.84 -23.53
CA THR A 48 -3.46 -15.36 -24.69
C THR A 48 -2.20 -14.54 -24.91
N ARG A 49 -1.04 -15.18 -24.83
CA ARG A 49 0.22 -14.50 -25.11
C ARG A 49 0.32 -14.27 -26.61
N VAL A 50 0.68 -13.05 -26.99
CA VAL A 50 0.87 -12.71 -28.39
C VAL A 50 2.20 -12.00 -28.57
N TYR A 51 2.65 -11.92 -29.81
CA TYR A 51 3.75 -11.06 -30.15
C TYR A 51 3.16 -9.92 -30.97
N SER A 52 2.79 -8.85 -30.29
CA SER A 52 2.12 -7.73 -30.94
C SER A 52 2.03 -6.51 -30.02
N ARG A 53 2.35 -5.33 -30.56
CA ARG A 53 2.20 -4.07 -29.83
C ARG A 53 0.73 -3.82 -29.49
N ASP A 54 -0.18 -4.51 -30.19
CA ASP A 54 -1.61 -4.33 -29.99
C ASP A 54 -2.23 -5.30 -28.99
N ALA A 55 -1.40 -5.89 -28.14
CA ALA A 55 -1.92 -6.71 -27.04
C ALA A 55 -2.64 -5.79 -26.05
N ASP A 56 -3.60 -6.35 -25.31
CA ASP A 56 -4.26 -5.59 -24.26
C ASP A 56 -3.28 -5.20 -23.15
N ILE A 57 -2.57 -6.20 -22.64
CA ILE A 57 -1.65 -5.97 -21.53
C ILE A 57 -0.23 -6.05 -22.08
N VAL A 58 0.41 -4.89 -22.25
CA VAL A 58 1.80 -4.89 -22.69
C VAL A 58 2.68 -4.92 -21.44
N ILE A 59 3.65 -5.83 -21.44
CA ILE A 59 4.53 -6.01 -20.28
C ILE A 59 5.94 -5.50 -20.62
N GLN A 60 6.48 -4.69 -19.72
CA GLN A 60 7.73 -4.00 -20.00
C GLN A 60 8.59 -3.91 -18.75
N PHE A 61 9.88 -4.22 -18.87
CA PHE A 61 10.86 -3.93 -17.82
C PHE A 61 11.51 -2.58 -18.10
N GLY A 62 11.65 -1.74 -17.07
CA GLY A 62 12.24 -0.43 -17.28
C GLY A 62 12.85 0.14 -16.00
N VAL A 63 13.61 1.22 -16.12
CA VAL A 63 14.22 1.83 -14.93
C VAL A 63 13.91 3.32 -14.94
N ALA A 64 13.86 3.91 -13.75
CA ALA A 64 13.67 5.36 -13.60
C ALA A 64 12.51 5.83 -14.46
N GLU A 65 12.69 6.93 -15.18
CA GLU A 65 11.64 7.42 -16.08
C GLU A 65 11.66 6.62 -17.38
N HIS A 66 10.55 5.94 -17.68
CA HIS A 66 10.53 4.98 -18.77
C HIS A 66 9.37 5.26 -19.72
N GLY A 67 8.76 6.44 -19.58
CA GLY A 67 7.81 6.90 -20.58
C GLY A 67 6.35 6.96 -20.19
N ASP A 68 6.05 7.11 -18.90
CA ASP A 68 4.66 7.23 -18.47
C ASP A 68 4.45 8.14 -17.27
N GLY A 69 5.50 8.85 -16.86
CA GLY A 69 5.37 9.82 -15.79
C GLY A 69 5.29 9.23 -14.41
N TYR A 70 5.42 7.90 -14.33
CA TYR A 70 5.50 7.25 -13.05
C TYR A 70 6.84 6.55 -12.98
N PRO A 71 7.89 7.35 -12.73
CA PRO A 71 9.27 6.86 -12.79
C PRO A 71 9.44 5.79 -11.73
N PHE A 72 10.30 4.82 -12.00
CA PHE A 72 10.73 3.89 -10.97
C PHE A 72 11.82 4.58 -10.14
N ASP A 73 12.23 3.97 -9.04
CA ASP A 73 13.01 4.65 -8.00
C ASP A 73 14.31 3.96 -7.62
N GLY A 74 14.91 3.21 -8.55
CA GLY A 74 16.09 2.44 -8.22
C GLY A 74 15.77 1.24 -7.35
N LYS A 75 16.81 0.67 -6.74
CA LYS A 75 16.67 -0.56 -5.96
C LYS A 75 15.68 -0.44 -4.80
N ASP A 76 14.90 -1.50 -4.59
CA ASP A 76 13.86 -1.54 -3.57
C ASP A 76 12.84 -0.42 -3.73
N GLY A 77 12.07 -0.16 -2.69
CA GLY A 77 10.95 0.77 -2.82
C GLY A 77 9.92 0.23 -3.80
N LEU A 78 9.53 1.04 -4.77
CA LEU A 78 8.61 0.60 -5.83
C LEU A 78 9.19 -0.57 -6.63
N LEU A 79 8.37 -1.59 -6.87
CA LEU A 79 8.84 -2.77 -7.57
C LEU A 79 8.28 -2.85 -8.99
N ALA A 80 7.06 -2.37 -9.15
CA ALA A 80 6.33 -2.51 -10.41
C ALA A 80 5.07 -1.68 -10.34
N HIS A 81 4.41 -1.46 -11.48
CA HIS A 81 3.10 -0.86 -11.47
C HIS A 81 2.29 -1.27 -12.69
N ALA A 82 0.98 -1.09 -12.63
CA ALA A 82 0.13 -1.48 -13.74
C ALA A 82 -1.08 -0.57 -13.83
N PHE A 83 -1.53 -0.32 -15.05
CA PHE A 83 -2.67 0.55 -15.28
C PHE A 83 -3.95 -0.26 -15.39
N PRO A 84 -5.07 0.31 -14.94
CA PRO A 84 -6.36 -0.39 -15.00
C PRO A 84 -6.82 -0.59 -16.44
N PRO A 85 -7.82 -1.45 -16.65
CA PRO A 85 -8.24 -1.78 -18.01
C PRO A 85 -8.66 -0.54 -18.84
N GLY A 86 -8.22 -0.53 -20.10
CA GLY A 86 -8.51 0.58 -21.01
C GLY A 86 -7.61 0.44 -22.23
N PRO A 87 -7.60 1.44 -23.12
CA PRO A 87 -6.80 1.33 -24.35
C PRO A 87 -5.38 1.86 -24.18
N GLY A 88 -4.50 1.45 -25.10
CA GLY A 88 -3.14 1.97 -25.11
C GLY A 88 -2.37 1.60 -23.86
N ILE A 89 -1.80 2.59 -23.16
CA ILE A 89 -1.02 2.34 -21.96
C ILE A 89 -1.89 1.72 -20.88
N GLN A 90 -3.20 1.96 -20.93
CA GLN A 90 -4.06 1.39 -19.91
C GLN A 90 -3.97 -0.12 -20.03
N GLY A 91 -4.06 -0.82 -18.90
CA GLY A 91 -3.90 -2.27 -18.87
C GLY A 91 -2.46 -2.76 -18.86
N ASP A 92 -1.49 -1.88 -19.09
CA ASP A 92 -0.11 -2.36 -19.20
C ASP A 92 0.55 -2.56 -17.82
N ALA A 93 1.57 -3.41 -17.76
CA ALA A 93 2.24 -3.73 -16.51
C ALA A 93 3.74 -3.53 -16.67
N HIS A 94 4.35 -2.72 -15.79
CA HIS A 94 5.77 -2.41 -15.91
C HIS A 94 6.53 -2.91 -14.67
N PHE A 95 7.75 -3.42 -14.87
CA PHE A 95 8.51 -3.92 -13.75
C PHE A 95 9.83 -3.20 -13.65
N ASP A 96 10.20 -2.82 -12.42
CA ASP A 96 11.42 -2.06 -12.18
C ASP A 96 12.66 -2.95 -12.32
N ASP A 97 13.43 -2.73 -13.37
CA ASP A 97 14.57 -3.61 -13.62
C ASP A 97 15.80 -3.19 -12.83
N ASP A 98 15.65 -2.19 -11.96
CA ASP A 98 16.67 -1.90 -10.97
C ASP A 98 16.51 -2.87 -9.79
N GLU A 99 15.45 -3.67 -9.80
CA GLU A 99 15.34 -4.77 -8.84
C GLU A 99 16.02 -5.99 -9.39
N LEU A 100 16.46 -6.87 -8.49
CA LEU A 100 16.93 -8.18 -8.91
C LEU A 100 15.74 -9.14 -8.98
N TRP A 101 15.38 -9.55 -10.19
CA TRP A 101 14.25 -10.44 -10.41
C TRP A 101 14.70 -11.89 -10.36
N SER A 102 13.96 -12.70 -9.61
CA SER A 102 14.27 -14.11 -9.41
C SER A 102 12.98 -14.86 -9.18
N LEU A 103 13.06 -16.07 -8.64
CA LEU A 103 11.86 -16.79 -8.24
C LEU A 103 11.61 -16.59 -6.75
N GLY A 104 12.34 -15.63 -6.16
CA GLY A 104 12.05 -15.16 -4.81
C GLY A 104 12.79 -15.89 -3.70
N LYS A 105 13.44 -17.00 -4.05
CA LYS A 105 14.18 -17.80 -3.09
C LYS A 105 15.65 -17.36 -3.04
N GLY A 106 16.16 -17.09 -1.84
CA GLY A 106 17.56 -16.73 -1.69
C GLY A 106 17.82 -15.24 -1.81
N GLN A 107 17.65 -14.70 -3.01
CA GLN A 107 17.80 -13.27 -3.21
C GLN A 107 16.84 -12.70 -4.26
N GLY A 108 16.53 -11.42 -4.13
CA GLY A 108 15.70 -10.71 -5.08
C GLY A 108 14.22 -10.91 -4.85
N TYR A 109 13.42 -10.37 -5.75
CA TYR A 109 11.96 -10.42 -5.61
C TYR A 109 11.40 -11.44 -6.58
N SER A 110 10.40 -12.19 -6.15
CA SER A 110 9.74 -13.14 -7.04
C SER A 110 9.02 -12.44 -8.19
N LEU A 111 9.48 -12.65 -9.41
CA LEU A 111 8.80 -12.08 -10.56
C LEU A 111 7.38 -12.66 -10.67
N PHE A 112 7.20 -13.93 -10.33
CA PHE A 112 5.87 -14.54 -10.34
C PHE A 112 4.87 -13.84 -9.41
N LEU A 113 5.27 -13.68 -8.15
CA LEU A 113 4.39 -13.04 -7.17
C LEU A 113 4.11 -11.58 -7.51
N VAL A 114 5.13 -10.82 -7.88
CA VAL A 114 4.92 -9.42 -8.22
C VAL A 114 4.02 -9.31 -9.44
N ALA A 115 4.27 -10.14 -10.44
CA ALA A 115 3.44 -10.07 -11.65
C ALA A 115 1.98 -10.45 -11.35
N ALA A 116 1.78 -11.45 -10.51
CA ALA A 116 0.41 -11.85 -10.17
C ALA A 116 -0.34 -10.67 -9.55
N HIS A 117 0.36 -9.95 -8.67
CA HIS A 117 -0.21 -8.75 -8.05
C HIS A 117 -0.49 -7.68 -9.12
N GLN A 118 0.48 -7.40 -9.99
CA GLN A 118 0.31 -6.39 -11.03
C GLN A 118 -0.84 -6.74 -11.96
N PHE A 119 -0.94 -8.02 -12.32
CA PHE A 119 -2.00 -8.44 -13.23
C PHE A 119 -3.37 -8.26 -12.61
N GLY A 120 -3.47 -8.40 -11.28
CA GLY A 120 -4.68 -8.03 -10.57
C GLY A 120 -5.08 -6.60 -10.92
N HIS A 121 -4.13 -5.67 -10.81
CA HIS A 121 -4.38 -4.27 -11.14
C HIS A 121 -4.79 -4.12 -12.60
N ALA A 122 -4.07 -4.81 -13.49
CA ALA A 122 -4.32 -4.72 -14.93
C ALA A 122 -5.71 -5.26 -15.28
N LEU A 123 -6.28 -6.05 -14.38
CA LEU A 123 -7.61 -6.61 -14.63
C LEU A 123 -8.67 -5.76 -13.93
N GLY A 124 -8.25 -4.75 -13.17
CA GLY A 124 -9.21 -3.84 -12.53
C GLY A 124 -9.29 -3.88 -11.01
N LEU A 125 -8.46 -4.67 -10.35
CA LEU A 125 -8.53 -4.78 -8.90
C LEU A 125 -7.78 -3.67 -8.20
N ASP A 126 -8.34 -3.22 -7.08
CA ASP A 126 -7.64 -2.30 -6.19
C ASP A 126 -6.90 -3.11 -5.11
N HIS A 127 -6.42 -2.42 -4.08
CA HIS A 127 -5.73 -3.11 -3.00
C HIS A 127 -6.64 -3.73 -1.93
N SER A 128 -6.14 -4.79 -1.31
CA SER A 128 -6.87 -5.49 -0.25
C SER A 128 -6.36 -4.98 1.08
N SER A 129 -7.19 -5.04 2.11
CA SER A 129 -6.72 -4.71 3.46
C SER A 129 -6.40 -5.98 4.27
N VAL A 130 -6.59 -7.13 3.63
CA VAL A 130 -6.26 -8.43 4.21
C VAL A 130 -4.80 -8.76 4.00
N PRO A 131 -4.00 -8.78 5.09
CA PRO A 131 -2.55 -8.97 4.97
C PRO A 131 -2.16 -10.22 4.18
N GLU A 132 -3.01 -11.25 4.25
CA GLU A 132 -2.73 -12.51 3.58
C GLU A 132 -3.08 -12.53 2.09
N ALA A 133 -3.72 -11.47 1.59
CA ALA A 133 -4.21 -11.47 0.21
C ALA A 133 -3.13 -11.04 -0.77
N LEU A 134 -3.20 -11.60 -1.98
CA LEU A 134 -2.27 -11.22 -3.05
C LEU A 134 -2.32 -9.72 -3.35
N MET A 135 -3.51 -9.13 -3.23
CA MET A 135 -3.64 -7.71 -3.53
C MET A 135 -3.35 -6.79 -2.32
N TYR A 136 -2.87 -7.36 -1.23
CA TYR A 136 -2.36 -6.54 -0.13
C TYR A 136 -1.13 -5.81 -0.65
N PRO A 137 -1.03 -4.49 -0.37
CA PRO A 137 0.02 -3.68 -0.98
C PRO A 137 1.40 -3.85 -0.34
N MET A 138 1.76 -5.07 0.04
CA MET A 138 3.13 -5.31 0.46
C MET A 138 3.67 -6.66 0.06
N TYR A 139 4.87 -6.66 -0.48
CA TYR A 139 5.50 -7.89 -0.89
C TYR A 139 5.95 -8.71 0.31
N ARG A 140 5.51 -9.96 0.32
N ARG A 140 5.45 -9.94 0.41
CA ARG A 140 6.02 -10.99 1.20
CA ARG A 140 6.11 -10.96 1.22
C ARG A 140 6.27 -12.22 0.36
C ARG A 140 6.31 -12.17 0.33
N PHE A 141 7.50 -12.75 0.38
CA PHE A 141 7.75 -13.97 -0.33
C PHE A 141 6.99 -15.09 0.34
N THR A 142 6.31 -15.90 -0.46
CA THR A 142 5.72 -17.13 0.02
C THR A 142 5.91 -18.20 -1.04
N GLU A 143 5.92 -19.45 -0.59
CA GLU A 143 5.99 -20.61 -1.45
C GLU A 143 4.57 -21.14 -1.68
N GLY A 144 3.69 -20.81 -0.73
CA GLY A 144 2.34 -21.33 -0.74
C GLY A 144 1.41 -20.60 -1.69
N PRO A 145 0.13 -20.97 -1.66
CA PRO A 145 -0.90 -20.36 -2.50
C PRO A 145 -1.09 -18.87 -2.23
N PRO A 146 -0.96 -18.04 -3.27
CA PRO A 146 -1.07 -16.59 -3.09
C PRO A 146 -2.50 -16.05 -2.97
N LEU A 147 -3.48 -16.69 -3.59
CA LEU A 147 -4.85 -16.14 -3.57
C LEU A 147 -5.57 -16.33 -2.22
N HIS A 148 -6.24 -15.26 -1.79
CA HIS A 148 -7.10 -15.26 -0.60
C HIS A 148 -8.52 -15.09 -1.11
N LYS A 149 -9.51 -15.48 -0.29
CA LYS A 149 -10.92 -15.27 -0.63
C LYS A 149 -11.15 -13.86 -1.16
N ASP A 150 -10.53 -12.88 -0.54
CA ASP A 150 -10.72 -11.49 -0.96
C ASP A 150 -10.25 -11.23 -2.39
N ASP A 151 -9.16 -11.87 -2.82
CA ASP A 151 -8.69 -11.70 -4.20
C ASP A 151 -9.68 -12.32 -5.19
N VAL A 152 -10.14 -13.53 -4.88
CA VAL A 152 -11.07 -14.23 -5.75
C VAL A 152 -12.40 -13.47 -5.78
N ASN A 153 -12.86 -13.00 -4.61
CA ASN A 153 -14.10 -12.22 -4.56
C ASN A 153 -14.01 -10.98 -5.44
N GLY A 154 -12.86 -10.29 -5.39
CA GLY A 154 -12.69 -9.08 -6.17
C GLY A 154 -12.77 -9.33 -7.67
N ILE A 155 -12.04 -10.33 -8.16
CA ILE A 155 -12.05 -10.61 -9.59
C ILE A 155 -13.39 -11.16 -10.07
N ARG A 156 -14.05 -11.97 -9.24
CA ARG A 156 -15.34 -12.51 -9.62
C ARG A 156 -16.43 -11.46 -9.56
N HIS A 157 -16.28 -10.47 -8.68
CA HIS A 157 -17.20 -9.35 -8.64
C HIS A 157 -17.16 -8.61 -9.98
N LEU A 158 -15.96 -8.48 -10.55
CA LEU A 158 -15.80 -7.78 -11.83
C LEU A 158 -16.28 -8.60 -13.02
N TYR A 159 -15.97 -9.90 -13.05
CA TYR A 159 -16.12 -10.67 -14.30
C TYR A 159 -17.05 -11.89 -14.25
N GLY A 160 -17.51 -12.23 -13.06
CA GLY A 160 -18.42 -13.36 -12.91
C GLY A 160 -17.75 -14.61 -12.41
N PHE B 1 -28.29 9.09 6.36
CA PHE B 1 -27.51 7.87 6.54
C PHE B 1 -26.12 7.96 5.92
N GLU B 2 -25.45 9.10 6.15
CA GLU B 2 -24.07 9.25 5.71
C GLU B 2 -23.19 8.24 6.45
N GLY B 3 -22.05 7.88 5.85
CA GLY B 3 -21.14 6.91 6.45
C GLY B 3 -20.71 7.34 7.84
N ASP B 4 -20.63 6.41 8.78
CA ASP B 4 -20.38 6.77 10.18
C ASP B 4 -19.03 6.34 10.74
N LEU B 5 -18.09 5.97 9.86
CA LEU B 5 -16.75 5.61 10.32
C LEU B 5 -15.84 6.86 10.41
N LYS B 6 -16.14 7.69 11.41
CA LYS B 6 -15.41 8.92 11.66
C LYS B 6 -15.62 9.24 13.13
N TRP B 7 -14.84 10.17 13.69
CA TRP B 7 -15.13 10.62 15.04
C TRP B 7 -16.35 11.53 14.98
N HIS B 8 -17.22 11.43 15.97
CA HIS B 8 -18.44 12.23 15.99
C HIS B 8 -18.38 13.33 17.06
N HIS B 9 -17.18 13.55 17.58
CA HIS B 9 -16.88 14.74 18.37
C HIS B 9 -15.60 15.33 17.79
N HIS B 10 -15.36 16.62 17.99
CA HIS B 10 -14.26 17.29 17.29
C HIS B 10 -13.01 17.44 18.15
N ASN B 11 -13.17 17.28 19.46
CA ASN B 11 -12.07 17.40 20.40
C ASN B 11 -11.45 16.03 20.70
N ILE B 12 -10.48 15.63 19.87
CA ILE B 12 -9.93 14.28 19.95
C ILE B 12 -8.77 14.24 20.93
N THR B 13 -8.73 13.23 21.80
CA THR B 13 -7.66 13.10 22.77
C THR B 13 -6.71 11.97 22.38
N TYR B 14 -5.45 12.08 22.79
CA TYR B 14 -4.48 11.02 22.56
C TYR B 14 -3.59 10.76 23.76
N TRP B 15 -3.13 9.53 23.89
CA TRP B 15 -2.29 9.12 25.01
C TRP B 15 -1.09 8.41 24.45
N ILE B 16 0.10 8.92 24.78
CA ILE B 16 1.33 8.20 24.47
C ILE B 16 1.57 7.23 25.62
N GLN B 17 1.17 5.98 25.40
CA GLN B 17 1.14 4.98 26.46
C GLN B 17 2.55 4.52 26.86
N ASN B 18 3.42 4.38 25.86
CA ASN B 18 4.79 3.96 26.15
C ASN B 18 5.79 4.53 25.15
N TYR B 19 7.08 4.23 25.35
CA TYR B 19 8.13 4.84 24.56
C TYR B 19 9.16 3.85 24.04
N SER B 20 9.52 4.02 22.78
CA SER B 20 10.65 3.30 22.22
C SER B 20 11.92 3.94 22.72
N GLU B 21 12.97 3.14 22.93
CA GLU B 21 14.26 3.67 23.32
C GLU B 21 15.03 4.25 22.13
N ASP B 22 14.45 4.17 20.92
CA ASP B 22 15.14 4.65 19.73
C ASP B 22 15.42 6.15 19.75
N LEU B 23 14.57 6.90 20.44
CA LEU B 23 14.67 8.35 20.48
C LEU B 23 14.38 8.84 21.90
N PRO B 24 14.86 10.05 22.24
CA PRO B 24 14.49 10.63 23.54
C PRO B 24 12.98 10.85 23.65
N ARG B 25 12.44 10.74 24.86
CA ARG B 25 11.01 10.86 25.09
C ARG B 25 10.45 12.18 24.59
N ALA B 26 11.20 13.26 24.78
CA ALA B 26 10.74 14.60 24.40
C ALA B 26 10.66 14.75 22.89
N VAL B 27 11.54 14.02 22.20
CA VAL B 27 11.60 14.05 20.74
C VAL B 27 10.41 13.27 20.21
N ILE B 28 10.12 12.15 20.85
CA ILE B 28 8.94 11.34 20.50
C ILE B 28 7.64 12.14 20.73
N ASP B 29 7.54 12.78 21.89
CA ASP B 29 6.36 13.58 22.23
C ASP B 29 6.15 14.64 21.14
N ASP B 30 7.25 15.27 20.75
CA ASP B 30 7.20 16.34 19.76
C ASP B 30 6.86 15.80 18.36
N ALA B 31 7.40 14.64 17.98
CA ALA B 31 7.07 14.05 16.67
C ALA B 31 5.57 13.81 16.55
N PHE B 32 4.99 13.19 17.57
CA PHE B 32 3.56 12.96 17.61
C PHE B 32 2.75 14.26 17.61
N ALA B 33 3.19 15.26 18.39
CA ALA B 33 2.49 16.55 18.42
C ALA B 33 2.46 17.21 17.04
N ARG B 34 3.60 17.18 16.35
N ARG B 34 3.59 17.19 16.34
CA ARG B 34 3.69 17.77 15.01
CA ARG B 34 3.68 17.77 15.01
C ARG B 34 2.83 17.02 13.99
C ARG B 34 2.84 17.02 13.97
N ALA B 35 2.78 15.70 14.11
CA ALA B 35 1.94 14.89 13.21
C ALA B 35 0.46 15.23 13.37
N PHE B 36 0.01 15.39 14.62
CA PHE B 36 -1.37 15.83 14.83
C PHE B 36 -1.61 17.25 14.32
N ALA B 37 -0.61 18.11 14.54
CA ALA B 37 -0.72 19.51 14.14
C ALA B 37 -0.88 19.64 12.62
N LEU B 38 -0.31 18.70 11.88
CA LEU B 38 -0.49 18.66 10.43
C LEU B 38 -1.97 18.58 10.05
N TRP B 39 -2.69 17.67 10.68
CA TRP B 39 -4.09 17.46 10.40
C TRP B 39 -4.99 18.55 11.01
N SER B 40 -4.66 19.02 12.20
N SER B 40 -4.63 19.02 12.20
CA SER B 40 -5.53 19.99 12.86
CA SER B 40 -5.42 20.01 12.91
C SER B 40 -5.58 21.33 12.10
C SER B 40 -5.56 21.30 12.11
N ALA B 41 -4.51 21.67 11.39
CA ALA B 41 -4.49 22.95 10.67
C ALA B 41 -5.58 23.00 9.62
N VAL B 42 -5.96 21.84 9.08
CA VAL B 42 -6.82 21.82 7.91
C VAL B 42 -8.26 21.36 8.16
N THR B 43 -8.58 21.04 9.43
N THR B 43 -8.59 21.06 9.42
CA THR B 43 -9.90 20.56 9.82
CA THR B 43 -9.93 20.57 9.77
C THR B 43 -10.41 21.25 11.08
C THR B 43 -10.41 21.20 11.06
N PRO B 44 -11.73 21.19 11.31
CA PRO B 44 -12.25 21.73 12.59
C PRO B 44 -11.95 20.84 13.80
N LEU B 45 -11.11 19.83 13.64
CA LEU B 45 -10.71 19.01 14.77
C LEU B 45 -9.62 19.67 15.59
N THR B 46 -9.60 19.38 16.89
CA THR B 46 -8.45 19.70 17.74
C THR B 46 -7.91 18.41 18.34
N PHE B 47 -6.65 18.43 18.74
CA PHE B 47 -6.02 17.28 19.36
C PHE B 47 -5.42 17.65 20.70
N THR B 48 -5.79 16.89 21.71
CA THR B 48 -5.33 17.17 23.07
C THR B 48 -4.64 15.94 23.66
N ARG B 49 -3.42 16.13 24.10
CA ARG B 49 -2.66 15.06 24.75
C ARG B 49 -3.18 14.85 26.17
N VAL B 50 -3.51 13.60 26.47
CA VAL B 50 -3.94 13.18 27.81
C VAL B 50 -3.06 12.03 28.28
N TYR B 51 -3.32 11.53 29.49
CA TYR B 51 -2.39 10.61 30.12
C TYR B 51 -3.04 9.35 30.70
N SER B 52 -4.12 8.88 30.08
CA SER B 52 -4.75 7.62 30.50
C SER B 52 -5.48 6.93 29.34
N ARG B 53 -5.99 5.73 29.59
CA ARG B 53 -6.68 4.99 28.53
C ARG B 53 -8.04 5.55 28.15
N ASP B 54 -8.46 6.64 28.81
CA ASP B 54 -9.67 7.33 28.39
C ASP B 54 -9.51 8.03 27.03
N ALA B 55 -8.28 8.06 26.52
CA ALA B 55 -7.98 8.77 25.28
C ALA B 55 -8.72 8.13 24.12
N ASP B 56 -9.06 8.93 23.11
CA ASP B 56 -9.61 8.38 21.87
C ASP B 56 -8.55 7.57 21.14
N ILE B 57 -7.39 8.18 20.92
CA ILE B 57 -6.30 7.56 20.18
C ILE B 57 -5.21 7.16 21.14
N VAL B 58 -5.10 5.86 21.43
CA VAL B 58 -4.02 5.38 22.28
C VAL B 58 -2.82 5.01 21.39
N ILE B 59 -1.65 5.57 21.71
CA ILE B 59 -0.45 5.36 20.91
C ILE B 59 0.48 4.40 21.64
N GLN B 60 0.96 3.37 20.95
CA GLN B 60 1.73 2.32 21.60
C GLN B 60 2.85 1.82 20.70
N PHE B 61 4.06 1.68 21.25
CA PHE B 61 5.08 0.93 20.53
C PHE B 61 4.98 -0.53 20.96
N GLY B 62 5.14 -1.45 20.00
CA GLY B 62 5.04 -2.86 20.32
C GLY B 62 5.80 -3.70 19.31
N VAL B 63 5.98 -4.99 19.60
CA VAL B 63 6.68 -5.87 18.67
C VAL B 63 5.91 -7.18 18.59
N ALA B 64 6.01 -7.87 17.45
CA ALA B 64 5.29 -9.12 17.22
C ALA B 64 3.83 -9.04 17.66
N GLU B 65 3.35 -10.09 18.34
N GLU B 65 3.34 -10.08 18.33
CA GLU B 65 2.03 -10.04 18.95
CA GLU B 65 2.01 -10.01 18.92
C GLU B 65 2.10 -9.04 20.10
C GLU B 65 2.07 -9.06 20.10
N HIS B 66 1.22 -8.05 20.11
CA HIS B 66 1.30 -6.99 21.11
C HIS B 66 -0.05 -6.61 21.73
N GLY B 67 -1.04 -7.48 21.53
CA GLY B 67 -2.30 -7.33 22.25
C GLY B 67 -3.58 -7.19 21.46
N ASP B 68 -3.48 -7.00 20.14
CA ASP B 68 -4.68 -6.73 19.36
C ASP B 68 -5.04 -7.78 18.32
N GLY B 69 -4.13 -8.74 18.11
CA GLY B 69 -4.41 -9.78 17.14
C GLY B 69 -3.88 -9.50 15.74
N TYR B 70 -3.25 -8.34 15.57
CA TYR B 70 -2.62 -7.98 14.31
C TYR B 70 -1.13 -7.77 14.58
N PRO B 71 -0.37 -8.86 14.60
CA PRO B 71 1.03 -8.83 15.05
C PRO B 71 1.95 -8.11 14.07
N PHE B 72 3.01 -7.50 14.60
CA PHE B 72 4.05 -6.96 13.75
C PHE B 72 4.96 -8.10 13.32
N ASP B 73 5.92 -7.79 12.44
CA ASP B 73 6.62 -8.84 11.69
C ASP B 73 8.14 -8.76 11.77
N GLY B 74 8.68 -8.16 12.82
CA GLY B 74 10.11 -7.95 12.89
C GLY B 74 10.56 -6.77 12.05
N LYS B 75 11.87 -6.69 11.79
CA LYS B 75 12.42 -5.55 11.05
C LYS B 75 11.87 -5.45 9.63
N ASP B 76 11.61 -4.21 9.21
CA ASP B 76 11.07 -3.90 7.89
C ASP B 76 9.66 -4.48 7.67
N GLY B 77 9.23 -4.52 6.42
CA GLY B 77 7.85 -4.89 6.14
C GLY B 77 6.90 -3.92 6.80
N LEU B 78 5.99 -4.46 7.61
CA LEU B 78 4.97 -3.66 8.31
C LEU B 78 5.65 -2.68 9.26
N LEU B 79 5.27 -1.40 9.24
CA LEU B 79 5.92 -0.37 10.06
C LEU B 79 5.06 0.03 11.25
N ALA B 80 3.76 0.05 11.04
CA ALA B 80 2.85 0.59 12.03
C ALA B 80 1.46 0.30 11.51
N HIS B 81 0.46 0.41 12.38
CA HIS B 81 -0.91 0.32 11.91
C HIS B 81 -1.82 1.11 12.85
N ALA B 82 -3.02 1.42 12.40
CA ALA B 82 -3.97 2.22 13.16
C ALA B 82 -5.39 1.81 12.83
N PHE B 83 -6.26 1.81 13.83
CA PHE B 83 -7.64 1.43 13.65
C PHE B 83 -8.46 2.68 13.37
N PRO B 84 -9.52 2.55 12.56
CA PRO B 84 -10.38 3.69 12.20
C PRO B 84 -11.20 4.12 13.41
N PRO B 85 -11.86 5.30 13.34
CA PRO B 85 -12.49 5.87 14.54
C PRO B 85 -13.57 4.95 15.12
N GLY B 86 -13.65 4.91 16.44
CA GLY B 86 -14.59 4.07 17.14
C GLY B 86 -14.10 3.95 18.57
N PRO B 87 -14.74 3.10 19.37
CA PRO B 87 -14.43 2.98 20.81
C PRO B 87 -13.35 1.95 21.10
N GLY B 88 -12.71 2.05 22.27
CA GLY B 88 -11.74 1.05 22.67
C GLY B 88 -10.51 1.01 21.78
N ILE B 89 -10.19 -0.19 21.27
CA ILE B 89 -9.03 -0.36 20.40
C ILE B 89 -9.19 0.46 19.13
N GLN B 90 -10.42 0.74 18.70
CA GLN B 90 -10.59 1.55 17.50
C GLN B 90 -10.01 2.94 17.74
N GLY B 91 -9.52 3.57 16.67
CA GLY B 91 -8.82 4.83 16.81
C GLY B 91 -7.36 4.73 17.24
N ASP B 92 -6.91 3.57 17.69
CA ASP B 92 -5.57 3.48 18.28
C ASP B 92 -4.47 3.33 17.22
N ALA B 93 -3.25 3.76 17.55
CA ALA B 93 -2.14 3.77 16.61
C ALA B 93 -0.94 3.06 17.22
N HIS B 94 -0.44 2.03 16.52
CA HIS B 94 0.66 1.24 17.07
C HIS B 94 1.86 1.28 16.14
N PHE B 95 3.05 1.32 16.73
CA PHE B 95 4.28 1.42 15.95
C PHE B 95 5.20 0.24 16.26
N ASP B 96 5.70 -0.40 15.19
CA ASP B 96 6.55 -1.58 15.31
C ASP B 96 7.94 -1.18 15.81
N ASP B 97 8.25 -1.52 17.06
CA ASP B 97 9.55 -1.13 17.63
C ASP B 97 10.72 -1.98 17.13
N ASP B 98 10.43 -2.98 16.31
CA ASP B 98 11.53 -3.71 15.66
C ASP B 98 12.07 -2.88 14.51
N GLU B 99 11.39 -1.80 14.17
CA GLU B 99 11.98 -0.81 13.30
C GLU B 99 12.84 0.14 14.10
N LEU B 100 13.74 0.84 13.40
CA LEU B 100 14.43 1.99 13.98
C LEU B 100 13.62 3.27 13.71
N TRP B 101 13.16 3.91 14.78
CA TRP B 101 12.46 5.18 14.65
C TRP B 101 13.43 6.34 14.79
N SER B 102 13.42 7.22 13.79
CA SER B 102 14.29 8.39 13.78
C SER B 102 13.48 9.59 13.32
N LEU B 103 14.15 10.67 12.97
CA LEU B 103 13.41 11.72 12.29
C LEU B 103 13.82 11.80 10.83
N GLY B 104 14.23 10.65 10.32
CA GLY B 104 14.31 10.40 8.90
C GLY B 104 15.64 10.63 8.20
N LYS B 105 16.33 11.71 8.55
CA LYS B 105 17.63 11.94 7.93
C LYS B 105 18.63 10.97 8.55
N GLY B 106 19.03 9.98 7.76
CA GLY B 106 19.85 8.90 8.27
C GLY B 106 19.07 7.60 8.23
N GLN B 107 19.51 6.64 9.04
CA GLN B 107 18.89 5.33 9.04
C GLN B 107 17.53 5.36 9.74
N GLY B 108 16.68 4.38 9.41
CA GLY B 108 15.41 4.21 10.09
C GLY B 108 14.28 4.99 9.44
N TYR B 109 13.11 4.96 10.08
CA TYR B 109 11.91 5.61 9.54
C TYR B 109 11.55 6.85 10.34
N SER B 110 11.18 7.93 9.65
CA SER B 110 10.73 9.13 10.34
C SER B 110 9.49 8.85 11.18
N LEU B 111 9.60 9.03 12.49
CA LEU B 111 8.44 8.84 13.35
C LEU B 111 7.36 9.87 13.04
N PHE B 112 7.77 11.11 12.75
CA PHE B 112 6.82 12.16 12.38
C PHE B 112 5.99 11.75 11.16
N LEU B 113 6.65 11.35 10.09
CA LEU B 113 5.95 11.03 8.84
C LEU B 113 5.08 9.79 8.97
N VAL B 114 5.62 8.72 9.56
CA VAL B 114 4.82 7.52 9.75
C VAL B 114 3.62 7.78 10.67
N ALA B 115 3.85 8.52 11.75
CA ALA B 115 2.74 8.86 12.65
C ALA B 115 1.67 9.68 11.91
N ALA B 116 2.10 10.62 11.08
CA ALA B 116 1.14 11.45 10.37
C ALA B 116 0.24 10.59 9.47
N HIS B 117 0.86 9.62 8.78
CA HIS B 117 0.13 8.68 7.95
C HIS B 117 -0.78 7.83 8.84
N GLN B 118 -0.25 7.30 9.94
CA GLN B 118 -1.09 6.49 10.84
C GLN B 118 -2.27 7.28 11.38
N PHE B 119 -2.02 8.54 11.73
CA PHE B 119 -3.10 9.36 12.27
C PHE B 119 -4.17 9.63 11.22
N GLY B 120 -3.80 9.70 9.95
CA GLY B 120 -4.77 9.77 8.87
C GLY B 120 -5.72 8.59 8.98
N HIS B 121 -5.17 7.39 9.16
CA HIS B 121 -6.02 6.20 9.34
C HIS B 121 -6.87 6.30 10.61
N ALA B 122 -6.29 6.76 11.71
CA ALA B 122 -7.03 6.87 12.98
C ALA B 122 -8.13 7.92 12.91
N LEU B 123 -8.07 8.80 11.91
CA LEU B 123 -9.12 9.78 11.69
C LEU B 123 -10.15 9.31 10.67
N GLY B 124 -9.86 8.21 9.98
CA GLY B 124 -10.84 7.64 9.08
C GLY B 124 -10.46 7.63 7.63
N LEU B 125 -9.22 7.97 7.29
CA LEU B 125 -8.78 7.97 5.89
C LEU B 125 -8.28 6.61 5.46
N ASP B 126 -8.50 6.29 4.18
CA ASP B 126 -7.78 5.17 3.57
C ASP B 126 -6.60 5.66 2.77
N HIS B 127 -6.10 4.76 1.91
CA HIS B 127 -4.93 5.09 1.11
C HIS B 127 -5.24 5.92 -0.13
N SER B 128 -4.26 6.73 -0.49
CA SER B 128 -4.33 7.54 -1.70
C SER B 128 -3.68 6.80 -2.84
N SER B 129 -4.12 7.10 -4.06
CA SER B 129 -3.47 6.57 -5.27
C SER B 129 -2.45 7.57 -5.82
N VAL B 130 -2.28 8.69 -5.13
CA VAL B 130 -1.33 9.72 -5.56
C VAL B 130 0.01 9.47 -4.90
N PRO B 131 1.05 9.16 -5.70
CA PRO B 131 2.35 8.81 -5.15
C PRO B 131 2.92 9.88 -4.22
N GLU B 132 2.58 11.14 -4.48
CA GLU B 132 3.07 12.25 -3.65
C GLU B 132 2.31 12.46 -2.31
N ALA B 133 1.17 11.79 -2.14
CA ALA B 133 0.33 12.08 -0.97
C ALA B 133 0.83 11.37 0.27
N LEU B 134 0.60 12.00 1.43
CA LEU B 134 0.90 11.37 2.71
C LEU B 134 0.23 10.02 2.89
N MET B 135 -1.01 9.89 2.41
CA MET B 135 -1.70 8.62 2.55
C MET B 135 -1.37 7.60 1.46
N TYR B 136 -0.37 7.87 0.64
CA TYR B 136 0.06 6.85 -0.33
C TYR B 136 0.68 5.71 0.48
N PRO B 137 0.42 4.45 0.09
CA PRO B 137 0.80 3.30 0.93
C PRO B 137 2.27 2.89 0.83
N MET B 138 3.15 3.82 0.50
CA MET B 138 4.56 3.51 0.63
C MET B 138 5.35 4.65 1.26
N TYR B 139 6.23 4.28 2.17
CA TYR B 139 7.02 5.28 2.85
C TYR B 139 8.10 5.86 1.98
N ARG B 140 8.20 7.19 1.98
N ARG B 140 8.19 7.19 1.98
N ARG B 140 8.20 7.18 1.96
CA ARG B 140 9.35 7.88 1.43
CA ARG B 140 9.32 7.90 1.43
CA ARG B 140 9.38 7.85 1.43
C ARG B 140 9.71 9.01 2.38
C ARG B 140 9.70 9.00 2.41
C ARG B 140 9.73 9.00 2.36
N PHE B 141 10.99 9.10 2.73
CA PHE B 141 11.41 10.20 3.57
C PHE B 141 11.36 11.48 2.75
N THR B 142 10.76 12.50 3.31
CA THR B 142 10.84 13.84 2.74
C THR B 142 11.02 14.84 3.88
N GLU B 143 11.69 15.94 3.57
CA GLU B 143 11.84 17.02 4.52
C GLU B 143 10.80 18.07 4.21
N GLY B 144 10.17 17.94 3.05
CA GLY B 144 9.20 18.93 2.61
C GLY B 144 7.81 18.66 3.12
N PRO B 145 6.85 19.46 2.67
CA PRO B 145 5.44 19.39 3.08
C PRO B 145 4.83 18.04 2.74
N PRO B 146 4.37 17.28 3.75
CA PRO B 146 3.84 15.94 3.48
C PRO B 146 2.44 15.95 2.86
N LEU B 147 1.61 16.95 3.17
CA LEU B 147 0.24 16.92 2.69
C LEU B 147 0.09 17.25 1.20
N HIS B 148 -0.72 16.45 0.51
CA HIS B 148 -1.07 16.69 -0.88
C HIS B 148 -2.52 17.11 -0.88
N LYS B 149 -2.96 17.71 -1.98
CA LYS B 149 -4.36 18.09 -2.15
C LYS B 149 -5.28 16.92 -1.83
N ASP B 150 -4.91 15.72 -2.26
CA ASP B 150 -5.73 14.55 -2.00
C ASP B 150 -5.92 14.26 -0.50
N ASP B 151 -4.88 14.46 0.30
CA ASP B 151 -4.98 14.22 1.73
C ASP B 151 -5.91 15.23 2.39
N VAL B 152 -5.78 16.50 1.98
CA VAL B 152 -6.62 17.54 2.56
C VAL B 152 -8.07 17.33 2.11
N ASN B 153 -8.24 16.93 0.86
CA ASN B 153 -9.58 16.64 0.35
C ASN B 153 -10.25 15.55 1.15
N GLY B 154 -9.47 14.52 1.51
CA GLY B 154 -10.04 13.37 2.19
C GLY B 154 -10.51 13.73 3.59
N ILE B 155 -9.64 14.42 4.33
CA ILE B 155 -9.96 14.73 5.71
C ILE B 155 -11.08 15.77 5.79
N ARG B 156 -11.11 16.70 4.83
CA ARG B 156 -12.15 17.72 4.85
C ARG B 156 -13.49 17.15 4.39
N HIS B 157 -13.45 16.13 3.55
CA HIS B 157 -14.67 15.44 3.14
C HIS B 157 -15.33 14.82 4.37
N LEU B 158 -14.52 14.34 5.31
CA LEU B 158 -15.05 13.74 6.53
C LEU B 158 -15.52 14.76 7.57
N TYR B 159 -14.76 15.84 7.74
CA TYR B 159 -14.93 16.69 8.91
C TYR B 159 -15.29 18.15 8.61
N GLY B 160 -15.21 18.53 7.34
CA GLY B 160 -15.56 19.89 6.94
C GLY B 160 -14.34 20.79 6.83
#